data_6VWR
#
_entry.id   6VWR
#
_cell.length_a   79.288
_cell.length_b   79.288
_cell.length_c   105.573
_cell.angle_alpha   90.00
_cell.angle_beta   90.00
_cell.angle_gamma   90.00
#
_symmetry.space_group_name_H-M   'P 43 21 2'
#
loop_
_entity.id
_entity.type
_entity.pdbx_description
1 polymer 'Clavaminate synthase 3'
2 non-polymer 'SUCCINIC ACID'
3 non-polymer 'DEOXYGUANIDINOPROCLAVAMINIC ACID'
4 non-polymer oxovanadium(2+)
5 water water
#
_entity_poly.entity_id   1
_entity_poly.type   'polypeptide(L)'
_entity_poly.pdbx_seq_one_letter_code
;MGSSHHHHHHSSGLVPRGSHMMMTVVDCSEYSADLLALASRLPRIPRQDLYGFLDAAHEAAGDLPEGLGTALDRFNADGS
HDGYLMLRGLPVEDDDDLPATPTSTPAPVDRPLQNMEAMLAVIGRRLGLHTGYRELRSGTVYHDVYPSPGAHHLSSETSE
TLLEFHTEMAYHVLQPNYVMLACSRADHERKAATLVGSIRKALPLIPEEVRARLFDRPMPCCVDVAFRGGVENPGAIANV
KPLYGDPRDPFLGYDRELLAPREPDDVEAVAVLSKALDEVSEAVRLTPGDLLVVDNFRTTHARTPFSPRWDGKDRWLHRV
YIRTDRNDQLSGGERAGDVVDFSPRR
;
_entity_poly.pdbx_strand_id   A
#
# COMPACT_ATOMS: atom_id res chain seq x y z
N HIS A 20 -16.98 3.30 7.25
CA HIS A 20 -16.81 2.61 5.96
C HIS A 20 -18.10 1.93 5.55
N MET A 21 -18.30 1.77 4.24
CA MET A 21 -19.49 1.13 3.72
C MET A 21 -19.46 -0.39 3.90
N MET A 22 -20.66 -0.98 3.87
CA MET A 22 -20.81 -2.43 3.87
C MET A 22 -19.90 -3.11 2.87
N MET A 23 -19.87 -2.59 1.63
CA MET A 23 -19.12 -3.26 0.57
C MET A 23 -17.61 -3.16 0.74
N THR A 24 -17.13 -2.35 1.68
CA THR A 24 -15.70 -2.15 1.83
C THR A 24 -15.02 -3.28 2.60
N VAL A 25 -15.77 -4.07 3.35
CA VAL A 25 -15.23 -5.21 4.09
C VAL A 25 -15.77 -6.48 3.45
N VAL A 26 -14.88 -7.36 3.01
CA VAL A 26 -15.24 -8.59 2.31
C VAL A 26 -14.81 -9.75 3.19
N ASP A 27 -15.78 -10.51 3.71
CA ASP A 27 -15.49 -11.66 4.55
C ASP A 27 -15.16 -12.84 3.66
N CYS A 28 -13.92 -13.28 3.69
CA CYS A 28 -13.42 -14.33 2.82
C CYS A 28 -13.39 -15.69 3.49
N SER A 29 -13.90 -15.81 4.71
CA SER A 29 -13.71 -17.05 5.47
C SER A 29 -14.35 -18.26 4.77
N GLU A 30 -15.47 -18.06 4.08
CA GLU A 30 -16.11 -19.17 3.37
C GLU A 30 -15.26 -19.69 2.22
N TYR A 31 -14.28 -18.91 1.76
CA TYR A 31 -13.46 -19.25 0.60
C TYR A 31 -12.17 -19.97 0.98
N SER A 32 -11.97 -20.30 2.26
CA SER A 32 -10.64 -20.70 2.74
C SER A 32 -10.11 -21.92 1.99
N ALA A 33 -10.92 -22.98 1.86
CA ALA A 33 -10.43 -24.18 1.19
C ALA A 33 -10.11 -23.91 -0.27
N ASP A 34 -10.94 -23.13 -0.96
CA ASP A 34 -10.67 -22.82 -2.35
C ASP A 34 -9.38 -22.01 -2.49
N LEU A 35 -9.16 -21.05 -1.58
CA LEU A 35 -7.97 -20.21 -1.68
C LEU A 35 -6.71 -21.00 -1.36
N LEU A 36 -6.79 -21.92 -0.39
CA LEU A 36 -5.65 -22.78 -0.10
C LEU A 36 -5.33 -23.70 -1.27
N ALA A 37 -6.37 -24.19 -1.97
CA ALA A 37 -6.12 -25.00 -3.16
C ALA A 37 -5.38 -24.21 -4.23
N LEU A 38 -5.76 -22.95 -4.43
CA LEU A 38 -5.05 -22.12 -5.40
C LEU A 38 -3.61 -21.93 -4.97
N ALA A 39 -3.38 -21.68 -3.68
CA ALA A 39 -2.02 -21.49 -3.18
C ALA A 39 -1.18 -22.76 -3.34
N SER A 40 -1.81 -23.93 -3.26
CA SER A 40 -1.06 -25.18 -3.25
C SER A 40 -0.36 -25.42 -4.58
N ARG A 41 -0.81 -24.79 -5.66
CA ARG A 41 -0.20 -24.96 -6.97
C ARG A 41 0.77 -23.84 -7.33
N LEU A 42 1.04 -22.89 -6.39
CA LEU A 42 2.03 -21.87 -6.69
C LEU A 42 3.43 -22.37 -6.34
N PRO A 43 4.44 -21.89 -7.04
CA PRO A 43 5.82 -22.24 -6.69
C PRO A 43 6.11 -21.93 -5.22
N ARG A 44 6.76 -22.89 -4.56
CA ARG A 44 7.00 -22.82 -3.13
C ARG A 44 8.14 -21.87 -2.77
N ILE A 45 9.07 -21.63 -3.69
CA ILE A 45 10.19 -20.71 -3.40
C ILE A 45 10.07 -19.56 -4.38
N PRO A 46 9.23 -18.57 -4.10
CA PRO A 46 8.85 -17.60 -5.14
C PRO A 46 10.02 -16.77 -5.63
N ARG A 47 10.96 -16.40 -4.76
CA ARG A 47 12.01 -15.47 -5.14
C ARG A 47 13.06 -16.11 -6.02
N GLN A 48 13.03 -17.43 -6.19
CA GLN A 48 13.94 -18.08 -7.14
C GLN A 48 13.54 -17.76 -8.59
N ASP A 49 12.25 -17.52 -8.83
CA ASP A 49 11.76 -17.16 -10.16
C ASP A 49 10.48 -16.36 -9.98
N LEU A 50 10.63 -15.08 -9.66
CA LEU A 50 9.45 -14.29 -9.30
C LEU A 50 8.52 -14.09 -10.49
N TYR A 51 9.07 -13.98 -11.70
CA TYR A 51 8.20 -13.78 -12.86
C TYR A 51 7.34 -15.01 -13.12
N GLY A 52 7.92 -16.21 -13.04
CA GLY A 52 7.13 -17.42 -13.20
C GLY A 52 6.13 -17.59 -12.07
N PHE A 53 6.53 -17.25 -10.86
CA PHE A 53 5.63 -17.32 -9.72
C PHE A 53 4.40 -16.44 -9.95
N LEU A 54 4.62 -15.22 -10.42
CA LEU A 54 3.48 -14.31 -10.60
C LEU A 54 2.65 -14.68 -11.82
N ASP A 55 3.24 -15.32 -12.83
CA ASP A 55 2.44 -15.87 -13.92
C ASP A 55 1.51 -16.97 -13.42
N ALA A 56 2.03 -17.85 -12.56
CA ALA A 56 1.18 -18.88 -11.95
C ALA A 56 0.10 -18.24 -11.11
N ALA A 57 0.42 -17.14 -10.43
CA ALA A 57 -0.59 -16.44 -9.63
C ALA A 57 -1.65 -15.79 -10.51
N HIS A 58 -1.27 -15.35 -11.73
CA HIS A 58 -2.25 -14.78 -12.63
C HIS A 58 -3.24 -15.83 -13.11
N GLU A 59 -2.76 -17.05 -13.38
CA GLU A 59 -3.67 -18.14 -13.72
C GLU A 59 -4.65 -18.41 -12.57
N ALA A 60 -4.15 -18.41 -11.33
CA ALA A 60 -5.02 -18.61 -10.17
C ALA A 60 -6.02 -17.47 -10.02
N ALA A 61 -5.62 -16.25 -10.37
CA ALA A 61 -6.49 -15.10 -10.17
C ALA A 61 -7.77 -15.23 -10.98
N GLY A 62 -7.68 -15.83 -12.17
CA GLY A 62 -8.86 -16.09 -12.98
C GLY A 62 -9.79 -17.12 -12.39
N ASP A 63 -9.31 -17.91 -11.43
CA ASP A 63 -10.10 -18.94 -10.78
C ASP A 63 -10.53 -18.56 -9.38
N LEU A 64 -10.42 -17.29 -9.00
CA LEU A 64 -10.87 -16.87 -7.69
C LEU A 64 -12.37 -17.12 -7.54
N PRO A 65 -12.85 -17.34 -6.32
CA PRO A 65 -14.29 -17.42 -6.09
C PRO A 65 -15.00 -16.21 -6.69
N GLU A 66 -16.14 -16.46 -7.30
CA GLU A 66 -16.87 -15.46 -8.06
C GLU A 66 -17.10 -14.18 -7.24
N GLY A 67 -17.56 -14.34 -6.00
CA GLY A 67 -17.87 -13.16 -5.20
C GLY A 67 -16.66 -12.33 -4.86
N LEU A 68 -15.51 -12.97 -4.63
CA LEU A 68 -14.29 -12.24 -4.34
C LEU A 68 -13.74 -11.58 -5.60
N GLY A 69 -13.74 -12.30 -6.72
CA GLY A 69 -13.31 -11.70 -7.97
C GLY A 69 -14.15 -10.49 -8.33
N THR A 70 -15.47 -10.56 -8.11
CA THR A 70 -16.34 -9.43 -8.44
C THR A 70 -16.03 -8.22 -7.57
N ALA A 71 -15.85 -8.43 -6.26
CA ALA A 71 -15.54 -7.31 -5.36
C ALA A 71 -14.26 -6.62 -5.77
N LEU A 72 -13.24 -7.40 -6.13
CA LEU A 72 -11.97 -6.84 -6.55
C LEU A 72 -12.10 -6.08 -7.85
N ASP A 73 -12.79 -6.66 -8.84
CA ASP A 73 -12.96 -6.00 -10.13
C ASP A 73 -13.73 -4.69 -9.97
N ARG A 74 -14.77 -4.68 -9.13
CA ARG A 74 -15.55 -3.46 -8.94
C ARG A 74 -14.69 -2.35 -8.33
N PHE A 75 -13.93 -2.70 -7.29
CA PHE A 75 -13.05 -1.72 -6.65
C PHE A 75 -11.99 -1.23 -7.63
N ASN A 76 -11.45 -2.13 -8.44
CA ASN A 76 -10.39 -1.77 -9.38
C ASN A 76 -10.90 -0.77 -10.42
N ALA A 77 -12.17 -0.88 -10.82
CA ALA A 77 -12.69 -0.05 -11.90
C ALA A 77 -12.58 1.44 -11.57
N ASP A 78 -13.02 1.85 -10.40
CA ASP A 78 -12.83 3.26 -10.06
C ASP A 78 -12.86 3.50 -8.56
N GLY A 79 -12.17 2.66 -7.81
CA GLY A 79 -12.02 2.88 -6.39
C GLY A 79 -13.36 2.90 -5.68
N SER A 80 -13.39 3.60 -4.55
CA SER A 80 -14.64 3.73 -3.80
C SER A 80 -14.59 4.99 -2.95
N HIS A 81 -15.73 5.30 -2.33
CA HIS A 81 -15.79 6.42 -1.42
C HIS A 81 -14.77 6.27 -0.29
N ASP A 82 -14.57 5.03 0.18
CA ASP A 82 -13.67 4.79 1.31
C ASP A 82 -12.20 4.76 0.88
N GLY A 83 -11.94 4.41 -0.38
CA GLY A 83 -10.56 4.41 -0.87
C GLY A 83 -9.77 3.17 -0.54
N TYR A 84 -10.41 2.15 0.00
CA TYR A 84 -9.72 0.91 0.29
C TYR A 84 -10.72 -0.23 0.23
N LEU A 85 -10.17 -1.44 0.14
CA LEU A 85 -10.94 -2.67 0.21
C LEU A 85 -10.26 -3.56 1.24
N MET A 86 -11.03 -4.03 2.21
CA MET A 86 -10.50 -4.82 3.32
C MET A 86 -11.01 -6.25 3.17
N LEU A 87 -10.11 -7.19 2.92
CA LEU A 87 -10.44 -8.61 2.90
C LEU A 87 -10.11 -9.21 4.26
N ARG A 88 -11.05 -9.98 4.83
CA ARG A 88 -10.84 -10.57 6.14
C ARG A 88 -11.01 -12.08 6.08
N GLY A 89 -10.34 -12.78 7.00
CA GLY A 89 -10.54 -14.21 7.09
C GLY A 89 -9.83 -15.06 6.07
N LEU A 90 -8.81 -14.51 5.41
CA LEU A 90 -8.01 -15.30 4.50
C LEU A 90 -7.23 -16.37 5.28
N PRO A 91 -6.80 -17.46 4.61
CA PRO A 91 -6.31 -18.64 5.35
C PRO A 91 -4.87 -18.54 5.82
N VAL A 92 -4.62 -17.60 6.73
CA VAL A 92 -3.31 -17.46 7.35
C VAL A 92 -2.95 -18.68 8.19
N GLU A 93 -1.65 -18.96 8.29
CA GLU A 93 -1.15 -20.01 9.15
C GLU A 93 -1.44 -19.69 10.62
N ASP A 94 -1.56 -20.74 11.43
CA ASP A 94 -1.53 -20.55 12.87
C ASP A 94 -0.19 -19.93 13.27
N ASP A 95 -0.21 -19.18 14.37
CA ASP A 95 0.98 -18.41 14.74
C ASP A 95 2.19 -19.33 14.93
N ASP A 96 2.00 -20.50 15.54
CA ASP A 96 3.13 -21.41 15.79
C ASP A 96 3.64 -22.07 14.51
N ASP A 97 2.92 -21.96 13.40
CA ASP A 97 3.37 -22.50 12.13
C ASP A 97 4.04 -21.47 11.25
N LEU A 98 4.16 -20.25 11.73
CA LEU A 98 4.91 -19.20 11.07
C LEU A 98 6.33 -19.16 11.62
N PRO A 99 7.32 -18.80 10.82
CA PRO A 99 8.65 -18.54 11.38
C PRO A 99 8.62 -17.30 12.26
N ALA A 100 9.75 -17.06 12.94
CA ALA A 100 9.90 -15.82 13.70
C ALA A 100 9.77 -14.62 12.79
N THR A 101 9.24 -13.53 13.34
CA THR A 101 9.09 -12.32 12.55
C THR A 101 10.47 -11.86 12.05
N PRO A 102 10.57 -11.47 10.77
CA PRO A 102 11.87 -11.02 10.24
C PRO A 102 12.41 -9.82 11.01
N THR A 103 13.74 -9.69 10.96
CA THR A 103 14.45 -8.58 11.57
C THR A 103 15.44 -7.97 10.59
N SER A 104 15.32 -8.28 9.31
CA SER A 104 16.25 -7.76 8.32
C SER A 104 15.58 -7.79 6.96
N THR A 105 16.05 -6.93 6.07
CA THR A 105 15.62 -6.84 4.69
C THR A 105 16.88 -6.78 3.83
N PRO A 106 16.89 -7.42 2.66
CA PRO A 106 15.77 -8.17 2.07
C PRO A 106 15.60 -9.58 2.61
N ALA A 107 14.46 -10.18 2.26
CA ALA A 107 14.18 -11.54 2.70
C ALA A 107 15.11 -12.52 2.00
N PRO A 108 15.39 -13.66 2.64
CA PRO A 108 16.21 -14.68 1.99
C PRO A 108 15.55 -15.20 0.72
N VAL A 109 16.36 -15.35 -0.33
CA VAL A 109 15.87 -15.77 -1.64
C VAL A 109 15.17 -17.13 -1.56
N ASP A 110 15.58 -17.99 -0.63
CA ASP A 110 15.02 -19.33 -0.56
C ASP A 110 13.91 -19.45 0.48
N ARG A 111 13.38 -18.34 0.98
CA ARG A 111 12.34 -18.46 2.01
C ARG A 111 11.06 -19.05 1.43
N PRO A 112 10.51 -20.11 2.03
CA PRO A 112 9.28 -20.69 1.49
C PRO A 112 8.11 -19.72 1.52
N LEU A 113 7.25 -19.87 0.51
CA LEU A 113 6.03 -19.07 0.39
C LEU A 113 5.16 -19.22 1.63
N GLN A 114 4.64 -18.09 2.11
CA GLN A 114 3.67 -18.08 3.19
C GLN A 114 2.29 -17.74 2.65
N ASN A 115 1.27 -18.19 3.37
CA ASN A 115 -0.09 -18.12 2.82
C ASN A 115 -0.51 -16.69 2.49
N MET A 116 -0.15 -15.73 3.35
CA MET A 116 -0.56 -14.35 3.06
C MET A 116 0.23 -13.77 1.89
N GLU A 117 1.45 -14.25 1.64
CA GLU A 117 2.16 -13.87 0.41
C GLU A 117 1.49 -14.47 -0.82
N ALA A 118 0.98 -15.70 -0.70
CA ALA A 118 0.25 -16.31 -1.80
C ALA A 118 -1.01 -15.52 -2.10
N MET A 119 -1.68 -15.01 -1.05
CA MET A 119 -2.85 -14.17 -1.29
C MET A 119 -2.46 -12.86 -1.98
N LEU A 120 -1.37 -12.22 -1.54
CA LEU A 120 -0.91 -11.01 -2.25
C LEU A 120 -0.60 -11.31 -3.72
N ALA A 121 -0.11 -12.51 -4.01
CA ALA A 121 0.21 -12.87 -5.40
C ALA A 121 -1.07 -12.98 -6.22
N VAL A 122 -2.02 -13.80 -5.74
CA VAL A 122 -3.22 -14.09 -6.51
C VAL A 122 -4.14 -12.88 -6.57
N ILE A 123 -4.45 -12.30 -5.40
CA ILE A 123 -5.33 -11.13 -5.35
C ILE A 123 -4.66 -9.94 -6.04
N GLY A 124 -3.34 -9.82 -5.89
CA GLY A 124 -2.62 -8.75 -6.58
C GLY A 124 -2.69 -8.88 -8.09
N ARG A 125 -2.51 -10.08 -8.62
CA ARG A 125 -2.59 -10.23 -10.07
C ARG A 125 -4.00 -10.04 -10.61
N ARG A 126 -5.02 -10.26 -9.77
CA ARG A 126 -6.38 -9.92 -10.22
C ARG A 126 -6.50 -8.43 -10.47
N LEU A 127 -5.73 -7.62 -9.74
CA LEU A 127 -5.77 -6.16 -9.86
C LEU A 127 -4.81 -5.63 -10.92
N GLY A 128 -3.58 -6.16 -10.99
CA GLY A 128 -2.57 -5.55 -11.86
C GLY A 128 -1.22 -6.21 -11.71
N LEU A 129 -0.18 -5.41 -11.93
CA LEU A 129 1.20 -5.90 -12.04
C LEU A 129 2.01 -5.52 -10.81
N HIS A 130 2.48 -6.52 -10.08
CA HIS A 130 3.41 -6.28 -8.99
C HIS A 130 4.63 -5.53 -9.49
N THR A 131 5.08 -4.55 -8.69
CA THR A 131 6.17 -3.68 -9.11
C THR A 131 7.14 -3.47 -7.96
N GLY A 132 8.44 -3.68 -8.21
CA GLY A 132 9.48 -3.29 -7.28
C GLY A 132 10.14 -2.00 -7.71
N TYR A 133 10.88 -1.39 -6.78
CA TYR A 133 11.53 -0.11 -6.99
C TYR A 133 13.00 -0.27 -6.64
N ARG A 134 13.88 -0.05 -7.62
CA ARG A 134 15.25 -0.58 -7.54
C ARG A 134 15.98 -0.10 -6.29
N GLU A 135 15.79 1.16 -5.92
CA GLU A 135 16.56 1.75 -4.83
C GLU A 135 15.97 1.44 -3.47
N LEU A 136 14.77 0.85 -3.43
CA LEU A 136 13.97 0.65 -2.22
C LEU A 136 14.00 -0.82 -1.83
N ARG A 137 14.42 -1.11 -0.60
CA ARG A 137 14.44 -2.48 -0.07
C ARG A 137 15.16 -3.43 -1.04
N SER A 138 16.33 -2.99 -1.52
CA SER A 138 17.18 -3.80 -2.38
C SER A 138 16.48 -4.17 -3.68
N GLY A 139 15.51 -3.37 -4.10
CA GLY A 139 14.81 -3.65 -5.34
C GLY A 139 13.90 -4.85 -5.28
N THR A 140 13.41 -5.20 -4.09
CA THR A 140 12.55 -6.38 -4.01
C THR A 140 11.09 -6.00 -4.23
N VAL A 141 10.30 -7.00 -4.59
CA VAL A 141 8.88 -6.85 -4.84
C VAL A 141 8.07 -7.11 -3.58
N TYR A 142 8.40 -8.16 -2.85
CA TYR A 142 7.76 -8.46 -1.57
C TYR A 142 8.54 -7.83 -0.43
N HIS A 143 7.89 -6.95 0.34
CA HIS A 143 8.50 -6.34 1.51
C HIS A 143 7.89 -6.92 2.78
N ASP A 144 8.74 -7.27 3.74
CA ASP A 144 8.26 -7.53 5.09
C ASP A 144 8.20 -6.22 5.86
N VAL A 145 7.06 -5.96 6.52
CA VAL A 145 6.88 -4.77 7.34
C VAL A 145 6.86 -5.20 8.80
N TYR A 146 7.94 -4.88 9.51
CA TYR A 146 8.23 -5.37 10.85
C TYR A 146 8.92 -4.25 11.60
N PRO A 147 8.86 -4.25 12.93
CA PRO A 147 9.52 -3.18 13.69
C PRO A 147 11.02 -3.43 13.85
N SER A 148 11.77 -2.34 13.93
CA SER A 148 13.19 -2.43 14.21
C SER A 148 13.54 -1.41 15.28
N PRO A 149 14.52 -1.72 16.14
CA PRO A 149 14.76 -0.86 17.31
C PRO A 149 15.39 0.49 17.00
N GLY A 150 16.01 0.66 15.85
CA GLY A 150 16.58 1.96 15.54
C GLY A 150 15.89 2.70 14.41
N ALA A 151 14.61 2.40 14.19
CA ALA A 151 13.95 2.83 12.97
C ALA A 151 13.99 4.34 12.78
N HIS A 152 14.42 4.77 11.59
CA HIS A 152 14.27 6.13 11.12
C HIS A 152 12.80 6.53 11.15
N HIS A 153 12.53 7.81 11.44
CA HIS A 153 11.14 8.24 11.61
C HIS A 153 10.34 8.18 10.31
N LEU A 154 11.01 8.16 9.15
CA LEU A 154 10.37 7.96 7.86
C LEU A 154 10.51 6.51 7.39
N SER A 155 10.36 5.56 8.30
CA SER A 155 10.50 4.13 7.99
C SER A 155 9.22 3.40 8.38
N SER A 156 8.83 2.44 7.54
CA SER A 156 7.76 1.54 7.93
C SER A 156 8.19 0.59 9.03
N GLU A 157 9.45 0.63 9.45
CA GLU A 157 9.94 -0.14 10.59
C GLU A 157 9.70 0.57 11.91
N THR A 158 9.10 1.75 11.87
CA THR A 158 8.76 2.45 13.10
C THR A 158 7.72 1.66 13.89
N SER A 159 7.60 2.01 15.16
CA SER A 159 6.58 1.41 16.00
C SER A 159 6.09 2.42 17.02
N GLU A 160 6.95 2.80 17.96
CA GLU A 160 6.53 3.70 19.03
C GLU A 160 6.21 5.09 18.52
N THR A 161 6.77 5.49 17.38
CA THR A 161 6.49 6.79 16.79
C THR A 161 5.53 6.61 15.62
N LEU A 162 4.51 7.47 15.57
CA LEU A 162 3.51 7.46 14.51
C LEU A 162 4.17 7.60 13.14
N LEU A 163 3.80 6.73 12.22
CA LEU A 163 4.18 6.87 10.82
C LEU A 163 3.13 7.77 10.16
N GLU A 164 3.50 9.02 9.91
CA GLU A 164 2.54 10.04 9.47
C GLU A 164 1.99 9.75 8.07
N PHE A 165 0.85 10.38 7.78
CA PHE A 165 0.11 10.22 6.54
C PHE A 165 1.00 10.40 5.32
N HIS A 166 0.92 9.44 4.39
CA HIS A 166 1.65 9.58 3.13
C HIS A 166 0.89 8.84 2.04
N THR A 167 0.82 9.46 0.87
CA THR A 167 0.60 8.74 -0.37
C THR A 167 1.91 8.07 -0.78
N GLU A 168 1.89 6.75 -1.02
CA GLU A 168 3.14 6.03 -1.23
C GLU A 168 3.81 6.46 -2.53
N MET A 169 5.02 7.00 -2.41
CA MET A 169 5.82 7.40 -3.58
C MET A 169 5.06 8.38 -4.48
N ALA A 170 4.39 9.37 -3.85
CA ALA A 170 3.66 10.36 -4.63
C ALA A 170 4.58 11.16 -5.54
N TYR A 171 5.86 11.23 -5.19
CA TYR A 171 6.88 11.99 -5.91
C TYR A 171 7.51 11.21 -7.06
N HIS A 172 7.10 9.97 -7.28
CA HIS A 172 7.71 9.04 -8.21
C HIS A 172 6.89 8.98 -9.48
N VAL A 173 7.55 9.12 -10.64
CA VAL A 173 6.83 9.05 -11.90
C VAL A 173 6.07 7.73 -12.04
N LEU A 174 6.63 6.65 -11.50
CA LEU A 174 6.01 5.33 -11.60
C LEU A 174 5.34 4.91 -10.30
N GLN A 175 4.83 5.88 -9.54
CA GLN A 175 3.98 5.67 -8.37
C GLN A 175 2.94 4.59 -8.67
N PRO A 176 2.71 3.66 -7.75
CA PRO A 176 1.74 2.57 -8.01
C PRO A 176 0.32 2.94 -7.63
N ASN A 177 -0.63 2.35 -8.39
CA ASN A 177 -2.05 2.50 -8.11
C ASN A 177 -2.43 1.99 -6.73
N TYR A 178 -1.87 0.83 -6.32
CA TYR A 178 -2.28 0.22 -5.06
C TYR A 178 -1.08 -0.12 -4.20
N VAL A 179 -1.25 0.08 -2.90
CA VAL A 179 -0.44 -0.54 -1.86
C VAL A 179 -1.29 -1.65 -1.26
N MET A 180 -0.74 -2.85 -1.19
CA MET A 180 -1.42 -3.98 -0.58
C MET A 180 -0.68 -4.41 0.67
N LEU A 181 -1.41 -4.56 1.78
CA LEU A 181 -0.83 -4.96 3.05
C LEU A 181 -1.54 -6.21 3.54
N ALA A 182 -0.79 -7.31 3.71
CA ALA A 182 -1.34 -8.56 4.18
C ALA A 182 -0.74 -8.89 5.55
N CYS A 183 -1.59 -9.25 6.52
CA CYS A 183 -1.14 -9.41 7.90
C CYS A 183 -0.90 -10.90 8.23
N SER A 184 0.34 -11.25 8.56
CA SER A 184 0.63 -12.55 9.15
C SER A 184 0.59 -12.50 10.68
N ARG A 185 1.13 -11.44 11.29
CA ARG A 185 1.00 -11.21 12.72
C ARG A 185 0.55 -9.78 13.00
N ALA A 186 -0.43 -9.61 13.88
CA ALA A 186 -0.65 -8.27 14.44
C ALA A 186 0.33 -8.06 15.59
N ASP A 187 0.46 -6.80 16.02
CA ASP A 187 1.21 -6.57 17.24
C ASP A 187 0.45 -7.17 18.43
N HIS A 188 1.19 -7.48 19.50
CA HIS A 188 0.65 -8.26 20.62
C HIS A 188 -0.62 -7.67 21.19
N GLU A 189 -0.66 -6.36 21.35
CA GLU A 189 -1.79 -5.70 22.00
C GLU A 189 -2.86 -5.28 21.01
N ARG A 190 -2.66 -5.56 19.72
CA ARG A 190 -3.57 -5.16 18.65
C ARG A 190 -3.92 -3.69 18.78
N LYS A 191 -2.89 -2.89 18.96
CA LYS A 191 -2.93 -1.45 19.15
C LYS A 191 -2.70 -0.69 17.84
N ALA A 192 -1.81 -1.19 16.98
CA ALA A 192 -1.41 -0.43 15.81
C ALA A 192 -2.58 -0.35 14.82
N ALA A 193 -2.96 0.87 14.46
CA ALA A 193 -4.02 1.10 13.48
C ALA A 193 -3.42 1.63 12.20
N THR A 194 -3.86 1.06 11.08
CA THR A 194 -3.54 1.60 9.76
C THR A 194 -4.61 2.62 9.44
N LEU A 195 -4.22 3.89 9.34
CA LEU A 195 -5.17 4.96 9.06
C LEU A 195 -5.27 5.20 7.57
N VAL A 196 -6.49 5.41 7.07
CA VAL A 196 -6.70 5.72 5.66
C VAL A 196 -7.48 7.01 5.55
N GLY A 197 -6.93 7.96 4.78
CA GLY A 197 -7.61 9.21 4.54
C GLY A 197 -8.00 9.32 3.08
N SER A 198 -9.30 9.31 2.80
CA SER A 198 -9.84 9.27 1.44
C SER A 198 -10.16 10.68 0.95
N ILE A 199 -9.65 11.04 -0.23
CA ILE A 199 -9.97 12.38 -0.76
C ILE A 199 -11.45 12.48 -1.10
N ARG A 200 -12.11 11.37 -1.42
CA ARG A 200 -13.54 11.45 -1.71
C ARG A 200 -14.34 11.81 -0.47
N LYS A 201 -13.85 11.45 0.73
CA LYS A 201 -14.52 11.87 1.95
C LYS A 201 -14.07 13.26 2.38
N ALA A 202 -12.82 13.63 2.11
CA ALA A 202 -12.27 14.89 2.59
C ALA A 202 -12.70 16.07 1.73
N LEU A 203 -12.90 15.86 0.44
CA LEU A 203 -13.16 16.98 -0.48
C LEU A 203 -14.35 17.84 -0.07
N PRO A 204 -15.50 17.31 0.34
CA PRO A 204 -16.60 18.18 0.77
C PRO A 204 -16.22 19.15 1.89
N LEU A 205 -15.24 18.81 2.71
CA LEU A 205 -14.82 19.69 3.81
C LEU A 205 -13.85 20.77 3.38
N ILE A 206 -13.45 20.79 2.12
CA ILE A 206 -12.43 21.74 1.63
C ILE A 206 -13.16 22.83 0.84
N PRO A 207 -12.98 24.11 1.17
CA PRO A 207 -13.65 25.17 0.42
C PRO A 207 -13.26 25.16 -1.05
N GLU A 208 -14.21 25.56 -1.90
CA GLU A 208 -13.98 25.59 -3.34
C GLU A 208 -12.73 26.41 -3.69
N GLU A 209 -12.49 27.48 -2.92
CA GLU A 209 -11.35 28.35 -3.19
C GLU A 209 -10.03 27.64 -2.87
N VAL A 210 -10.02 26.82 -1.81
CA VAL A 210 -8.82 26.05 -1.49
C VAL A 210 -8.63 24.91 -2.48
N ARG A 211 -9.73 24.26 -2.87
CA ARG A 211 -9.66 23.23 -3.91
C ARG A 211 -9.04 23.80 -5.19
N ALA A 212 -9.42 25.03 -5.56
CA ALA A 212 -8.90 25.61 -6.79
C ALA A 212 -7.40 25.85 -6.70
N ARG A 213 -6.92 26.27 -5.52
CA ARG A 213 -5.49 26.50 -5.35
C ARG A 213 -4.71 25.20 -5.39
N LEU A 214 -5.27 24.13 -4.82
CA LEU A 214 -4.58 22.84 -4.80
C LEU A 214 -4.57 22.16 -6.17
N PHE A 215 -5.64 22.32 -6.95
CA PHE A 215 -5.84 21.47 -8.11
C PHE A 215 -4.86 21.83 -9.23
N ASP A 216 -4.12 20.82 -9.69
CA ASP A 216 -3.16 20.90 -10.79
C ASP A 216 -1.96 21.77 -10.49
N ARG A 217 -1.74 22.15 -9.23
CA ARG A 217 -0.64 23.03 -8.89
C ARG A 217 0.55 22.22 -8.41
N PRO A 218 1.65 22.17 -9.17
CA PRO A 218 2.84 21.44 -8.68
C PRO A 218 3.48 22.16 -7.51
N MET A 219 3.81 21.40 -6.47
CA MET A 219 4.49 21.93 -5.31
C MET A 219 5.73 21.12 -5.02
N PRO A 220 6.77 21.76 -4.48
CA PRO A 220 8.02 21.02 -4.20
C PRO A 220 7.76 19.89 -3.22
N CYS A 221 8.45 18.78 -3.44
CA CYS A 221 8.29 17.63 -2.58
C CYS A 221 9.63 16.92 -2.46
N CYS A 222 10.02 16.61 -1.23
CA CYS A 222 11.18 15.79 -0.95
C CYS A 222 10.86 14.33 -1.28
N VAL A 223 11.87 13.47 -1.24
CA VAL A 223 11.65 12.06 -1.56
C VAL A 223 12.06 11.21 -0.36
N ASP A 224 11.60 9.96 -0.36
CA ASP A 224 11.95 9.05 0.73
C ASP A 224 13.44 8.76 0.72
N VAL A 225 13.94 8.33 1.89
CA VAL A 225 15.38 8.17 2.08
C VAL A 225 15.98 7.23 1.03
N ALA A 226 15.26 6.16 0.67
CA ALA A 226 15.82 5.20 -0.29
C ALA A 226 16.17 5.84 -1.62
N PHE A 227 15.53 6.95 -1.97
CA PHE A 227 15.70 7.57 -3.28
C PHE A 227 16.58 8.81 -3.25
N ARG A 228 17.28 9.06 -2.15
CA ARG A 228 18.08 10.26 -2.03
C ARG A 228 19.50 10.09 -2.52
N GLY A 229 19.92 8.87 -2.84
CA GLY A 229 21.27 8.62 -3.31
C GLY A 229 22.28 8.50 -2.20
N PRO A 234 18.99 15.91 -0.30
CA PRO A 234 19.03 16.60 -1.60
C PRO A 234 17.89 17.59 -1.79
N GLY A 235 17.00 17.69 -0.81
CA GLY A 235 15.93 18.67 -0.88
C GLY A 235 14.75 18.23 -1.72
N ALA A 236 13.97 19.22 -2.14
CA ALA A 236 12.67 18.98 -2.78
C ALA A 236 12.85 18.84 -4.30
N ILE A 237 13.40 17.68 -4.69
CA ILE A 237 13.75 17.44 -6.09
C ILE A 237 12.58 17.01 -6.95
N ALA A 238 11.39 16.81 -6.37
CA ALA A 238 10.21 16.46 -7.12
C ALA A 238 9.17 17.57 -7.04
N ASN A 239 8.21 17.53 -7.95
CA ASN A 239 7.02 18.37 -7.89
C ASN A 239 5.79 17.47 -7.83
N VAL A 240 4.94 17.71 -6.84
CA VAL A 240 3.74 16.91 -6.62
C VAL A 240 2.52 17.83 -6.68
N LYS A 241 1.50 17.39 -7.41
CA LYS A 241 0.22 18.11 -7.44
C LYS A 241 -0.69 17.52 -6.36
N PRO A 242 -1.07 18.29 -5.33
CA PRO A 242 -1.87 17.70 -4.24
C PRO A 242 -3.21 17.18 -4.70
N LEU A 243 -3.86 17.87 -5.63
CA LEU A 243 -5.03 17.36 -6.33
C LEU A 243 -4.76 17.45 -7.82
N TYR A 244 -5.27 16.48 -8.58
CA TYR A 244 -5.03 16.48 -10.02
C TYR A 244 -6.02 15.54 -10.70
N GLY A 245 -6.01 15.58 -12.02
CA GLY A 245 -6.89 14.73 -12.83
C GLY A 245 -8.21 15.43 -13.11
N ASP A 246 -9.30 14.83 -12.63
CA ASP A 246 -10.64 15.39 -12.79
C ASP A 246 -10.94 16.31 -11.61
N PRO A 247 -11.21 17.60 -11.83
CA PRO A 247 -11.46 18.49 -10.68
C PRO A 247 -12.73 18.15 -9.91
N ARG A 248 -13.69 17.46 -10.52
CA ARG A 248 -14.88 17.05 -9.79
C ARG A 248 -14.66 15.77 -8.99
N ASP A 249 -13.59 15.03 -9.27
CA ASP A 249 -13.29 13.76 -8.58
C ASP A 249 -11.78 13.56 -8.62
N PRO A 250 -11.03 14.39 -7.92
CA PRO A 250 -9.59 14.46 -8.16
C PRO A 250 -8.82 13.30 -7.53
N PHE A 251 -7.64 13.07 -8.10
CA PHE A 251 -6.63 12.23 -7.46
C PHE A 251 -5.91 13.05 -6.39
N LEU A 252 -5.29 12.35 -5.45
CA LEU A 252 -4.65 12.95 -4.28
C LEU A 252 -3.18 12.58 -4.27
N GLY A 253 -2.32 13.58 -4.05
CA GLY A 253 -0.92 13.34 -3.75
C GLY A 253 -0.53 14.11 -2.50
N TYR A 254 -0.45 13.42 -1.37
CA TYR A 254 -0.20 14.08 -0.10
C TYR A 254 0.91 13.36 0.65
N ASP A 255 1.79 14.11 1.31
CA ASP A 255 2.80 13.52 2.18
C ASP A 255 3.06 14.51 3.30
N ARG A 256 2.67 14.15 4.51
CA ARG A 256 2.76 15.08 5.63
C ARG A 256 4.20 15.45 5.94
N GLU A 257 5.15 14.56 5.64
CA GLU A 257 6.56 14.81 5.96
C GLU A 257 7.34 15.41 4.80
N LEU A 258 7.01 15.03 3.56
CA LEU A 258 7.87 15.36 2.43
C LEU A 258 7.35 16.49 1.56
N LEU A 259 6.05 16.77 1.57
CA LEU A 259 5.52 17.86 0.77
C LEU A 259 6.02 19.18 1.34
N ALA A 260 6.57 20.04 0.49
CA ALA A 260 7.27 21.24 0.94
C ALA A 260 6.83 22.48 0.15
N PRO A 261 5.58 22.90 0.30
CA PRO A 261 5.15 24.12 -0.39
C PRO A 261 5.90 25.33 0.14
N ARG A 262 6.25 26.24 -0.78
CA ARG A 262 6.99 27.45 -0.42
C ARG A 262 6.08 28.67 -0.28
N GLU A 263 5.25 28.94 -1.28
CA GLU A 263 4.41 30.13 -1.24
C GLU A 263 3.43 30.05 -0.08
N PRO A 264 3.18 31.16 0.62
CA PRO A 264 2.29 31.11 1.79
C PRO A 264 0.89 30.61 1.46
N ASP A 265 0.37 30.95 0.28
CA ASP A 265 -0.95 30.45 -0.11
C ASP A 265 -0.92 28.93 -0.30
N ASP A 266 0.20 28.40 -0.80
CA ASP A 266 0.34 26.95 -0.94
C ASP A 266 0.42 26.27 0.41
N VAL A 267 1.20 26.84 1.34
CA VAL A 267 1.29 26.29 2.68
C VAL A 267 -0.09 26.26 3.34
N GLU A 268 -0.88 27.32 3.12
CA GLU A 268 -2.19 27.39 3.75
C GLU A 268 -3.17 26.41 3.11
N ALA A 269 -3.12 26.28 1.78
CA ALA A 269 -4.00 25.34 1.10
C ALA A 269 -3.71 23.90 1.55
N VAL A 270 -2.42 23.56 1.67
CA VAL A 270 -2.06 22.21 2.10
C VAL A 270 -2.50 21.95 3.53
N ALA A 271 -2.41 22.97 4.39
CA ALA A 271 -2.86 22.82 5.77
C ALA A 271 -4.35 22.52 5.84
N VAL A 272 -5.14 23.13 4.97
CA VAL A 272 -6.58 22.83 4.92
C VAL A 272 -6.80 21.39 4.48
N LEU A 273 -6.08 20.98 3.45
CA LEU A 273 -6.17 19.58 2.99
C LEU A 273 -5.76 18.62 4.10
N SER A 274 -4.66 18.94 4.79
CA SER A 274 -4.15 18.08 5.86
C SER A 274 -5.18 17.90 6.97
N LYS A 275 -5.85 18.99 7.37
CA LYS A 275 -6.84 18.86 8.44
C LYS A 275 -8.08 18.11 7.97
N ALA A 276 -8.48 18.29 6.71
CA ALA A 276 -9.64 17.55 6.20
C ALA A 276 -9.36 16.05 6.14
N LEU A 277 -8.15 15.66 5.73
CA LEU A 277 -7.82 14.24 5.73
C LEU A 277 -7.83 13.68 7.14
N ASP A 278 -7.34 14.44 8.12
CA ASP A 278 -7.43 14.01 9.52
C ASP A 278 -8.88 13.79 9.93
N GLU A 279 -9.78 14.70 9.54
CA GLU A 279 -11.15 14.63 10.04
C GLU A 279 -11.92 13.45 9.47
N VAL A 280 -11.56 12.96 8.28
CA VAL A 280 -12.26 11.83 7.68
C VAL A 280 -11.48 10.54 7.81
N SER A 281 -10.33 10.56 8.48
CA SER A 281 -9.50 9.38 8.61
C SER A 281 -10.27 8.23 9.22
N GLU A 282 -10.06 7.03 8.69
CA GLU A 282 -10.60 5.82 9.28
C GLU A 282 -9.49 4.91 9.75
N ALA A 283 -9.68 4.28 10.92
CA ALA A 283 -8.69 3.38 11.51
C ALA A 283 -9.03 1.93 11.17
N VAL A 284 -8.06 1.22 10.62
CA VAL A 284 -8.17 -0.21 10.32
C VAL A 284 -7.10 -0.93 11.14
N ARG A 285 -7.51 -1.85 11.99
CA ARG A 285 -6.56 -2.62 12.78
C ARG A 285 -6.41 -4.00 12.15
N LEU A 286 -5.26 -4.23 11.50
CA LEU A 286 -5.03 -5.46 10.76
C LEU A 286 -4.80 -6.63 11.72
N THR A 287 -5.48 -7.74 11.47
CA THR A 287 -5.31 -8.98 12.22
C THR A 287 -4.88 -10.08 11.26
N PRO A 288 -4.34 -11.19 11.77
CA PRO A 288 -3.89 -12.26 10.88
C PRO A 288 -4.99 -12.70 9.93
N GLY A 289 -4.66 -12.80 8.65
CA GLY A 289 -5.66 -13.14 7.65
C GLY A 289 -6.32 -11.95 7.00
N ASP A 290 -6.00 -10.74 7.43
CA ASP A 290 -6.53 -9.54 6.79
C ASP A 290 -5.61 -9.07 5.67
N LEU A 291 -6.22 -8.53 4.63
CA LEU A 291 -5.48 -7.97 3.51
C LEU A 291 -6.16 -6.68 3.11
N LEU A 292 -5.41 -5.58 3.15
CA LEU A 292 -5.91 -4.24 2.87
C LEU A 292 -5.38 -3.79 1.52
N VAL A 293 -6.30 -3.43 0.61
CA VAL A 293 -5.95 -2.84 -0.68
C VAL A 293 -6.21 -1.34 -0.57
N VAL A 294 -5.16 -0.53 -0.70
CA VAL A 294 -5.28 0.92 -0.60
C VAL A 294 -5.23 1.53 -2.00
N ASP A 295 -6.24 2.32 -2.36
CA ASP A 295 -6.21 3.10 -3.60
C ASP A 295 -5.22 4.25 -3.41
N ASN A 296 -4.00 4.06 -3.90
CA ASN A 296 -2.90 4.98 -3.65
C ASN A 296 -2.96 6.23 -4.55
N PHE A 297 -3.98 6.35 -5.39
CA PHE A 297 -4.21 7.59 -6.13
C PHE A 297 -5.30 8.45 -5.51
N ARG A 298 -6.03 7.95 -4.50
CA ARG A 298 -7.13 8.70 -3.91
C ARG A 298 -7.07 8.70 -2.39
N THR A 299 -6.02 8.16 -1.80
CA THR A 299 -5.93 8.09 -0.35
C THR A 299 -4.51 8.42 0.08
N THR A 300 -4.37 8.57 1.39
CA THR A 300 -3.11 8.69 2.08
C THR A 300 -3.24 7.78 3.29
N HIS A 301 -2.13 7.19 3.75
CA HIS A 301 -2.25 6.22 4.84
C HIS A 301 -1.14 6.45 5.88
N ALA A 302 -1.37 5.89 7.06
CA ALA A 302 -0.51 6.12 8.22
C ALA A 302 -0.56 4.87 9.10
N ARG A 303 0.34 4.79 10.08
CA ARG A 303 0.26 3.71 11.08
C ARG A 303 0.53 4.27 12.47
N THR A 304 -0.36 3.98 13.41
CA THR A 304 -0.28 4.57 14.73
C THR A 304 0.67 3.77 15.62
N PRO A 305 1.03 4.30 16.79
CA PRO A 305 2.08 3.67 17.60
C PRO A 305 1.73 2.32 18.19
N PHE A 306 2.78 1.51 18.37
CA PHE A 306 2.70 0.28 19.15
C PHE A 306 4.09 0.00 19.72
N SER A 307 4.14 -0.85 20.74
CA SER A 307 5.40 -1.14 21.42
C SER A 307 5.87 -2.56 21.10
N PRO A 308 6.96 -2.73 20.35
CA PRO A 308 7.43 -4.08 20.05
C PRO A 308 8.00 -4.74 21.29
N ARG A 309 8.08 -6.06 21.22
CA ARG A 309 8.62 -6.86 22.31
C ARG A 309 9.85 -7.68 21.94
N TRP A 310 10.21 -7.77 20.66
CA TRP A 310 11.44 -8.43 20.24
C TRP A 310 11.47 -9.89 20.69
N ASP A 311 10.31 -10.55 20.67
CA ASP A 311 10.16 -11.88 21.25
C ASP A 311 9.97 -12.96 20.20
N GLY A 312 10.10 -12.63 18.92
CA GLY A 312 9.86 -13.56 17.84
C GLY A 312 8.47 -13.49 17.25
N LYS A 313 7.56 -12.73 17.88
CA LYS A 313 6.17 -12.63 17.45
C LYS A 313 5.75 -11.19 17.22
N ASP A 314 6.67 -10.30 16.89
CA ASP A 314 6.29 -8.92 16.62
C ASP A 314 5.43 -8.84 15.35
N ARG A 315 4.72 -7.72 15.23
CA ARG A 315 3.87 -7.44 14.07
C ARG A 315 4.61 -7.72 12.76
N TRP A 316 3.89 -8.31 11.81
CA TRP A 316 4.49 -8.76 10.56
C TRP A 316 3.45 -8.63 9.46
N LEU A 317 3.62 -7.62 8.62
CA LEU A 317 2.86 -7.53 7.39
C LEU A 317 3.74 -7.85 6.19
N HIS A 318 3.08 -8.20 5.10
CA HIS A 318 3.70 -8.31 3.79
C HIS A 318 3.13 -7.22 2.90
N ARG A 319 4.00 -6.51 2.19
CA ARG A 319 3.59 -5.38 1.35
C ARG A 319 4.02 -5.60 -0.09
N VAL A 320 3.11 -5.34 -1.03
CA VAL A 320 3.45 -5.25 -2.44
C VAL A 320 2.80 -4.01 -3.02
N TYR A 321 3.29 -3.62 -4.20
CA TYR A 321 2.78 -2.49 -4.96
C TYR A 321 2.23 -2.97 -6.29
N ILE A 322 1.08 -2.44 -6.71
CA ILE A 322 0.43 -2.89 -7.94
C ILE A 322 0.29 -1.72 -8.90
N ARG A 323 0.76 -1.89 -10.14
CA ARG A 323 0.50 -0.93 -11.20
C ARG A 323 -0.64 -1.41 -12.09
N THR A 324 -1.45 -0.46 -12.56
CA THR A 324 -2.49 -0.70 -13.53
C THR A 324 -2.23 0.16 -14.76
N ASP A 325 -3.00 -0.11 -15.82
CA ASP A 325 -2.80 0.56 -17.11
C ASP A 325 -3.66 1.82 -17.18
N ARG A 326 -3.27 2.82 -16.40
CA ARG A 326 -3.88 4.14 -16.42
C ARG A 326 -2.95 5.11 -15.71
N ASN A 327 -3.26 6.41 -15.84
CA ASN A 327 -2.47 7.47 -15.20
C ASN A 327 -0.99 7.39 -15.56
N ASP A 328 -0.68 6.85 -16.74
CA ASP A 328 0.70 6.75 -17.25
C ASP A 328 1.61 5.95 -16.32
N GLN A 329 1.05 4.97 -15.61
CA GLN A 329 1.89 4.05 -14.84
C GLN A 329 2.66 3.10 -15.75
N LEU A 330 2.09 2.76 -16.89
CA LEU A 330 2.64 1.77 -17.80
C LEU A 330 2.77 2.37 -19.18
N SER A 331 3.81 1.97 -19.90
CA SER A 331 4.01 2.45 -21.27
C SER A 331 4.14 1.32 -22.28
N GLY A 332 4.07 0.07 -21.84
CA GLY A 332 4.11 -1.06 -22.76
C GLY A 332 5.12 -2.13 -22.39
N GLY A 333 4.69 -3.40 -22.44
CA GLY A 333 5.54 -4.54 -22.24
C GLY A 333 5.79 -4.93 -20.80
N GLU A 334 5.29 -4.16 -19.84
CA GLU A 334 5.60 -4.43 -18.44
C GLU A 334 5.04 -5.79 -18.02
N ARG A 335 5.73 -6.42 -17.05
CA ARG A 335 5.31 -7.69 -16.49
C ARG A 335 5.25 -7.56 -14.99
N ALA A 336 4.38 -8.36 -14.36
CA ALA A 336 4.37 -8.44 -12.91
C ALA A 336 5.70 -9.00 -12.42
N GLY A 337 6.35 -8.26 -11.53
CA GLY A 337 7.69 -8.59 -11.07
C GLY A 337 8.75 -7.62 -11.50
N ASP A 338 8.45 -6.73 -12.45
CA ASP A 338 9.42 -5.75 -12.89
C ASP A 338 9.85 -4.84 -11.74
N VAL A 339 11.13 -4.45 -11.80
CA VAL A 339 11.72 -3.51 -10.86
C VAL A 339 12.13 -2.28 -11.66
N VAL A 340 11.68 -1.11 -11.22
CA VAL A 340 11.85 0.12 -12.01
C VAL A 340 12.77 1.09 -11.27
N ASP A 341 13.45 1.94 -12.06
CA ASP A 341 14.40 2.91 -11.52
C ASP A 341 13.70 4.22 -11.13
N PHE A 342 14.36 5.01 -10.28
CA PHE A 342 13.76 6.22 -9.75
C PHE A 342 13.78 7.36 -10.76
N SER A 343 12.64 8.03 -10.91
CA SER A 343 12.51 9.27 -11.68
C SER A 343 11.57 10.16 -10.90
N PRO A 344 11.96 11.41 -10.57
CA PRO A 344 11.06 12.28 -9.82
C PRO A 344 10.01 12.92 -10.72
N ARG A 345 8.80 13.05 -10.18
CA ARG A 345 7.79 13.87 -10.85
C ARG A 345 8.31 15.30 -10.98
N ARG A 346 8.09 15.89 -12.15
CA ARG A 346 8.49 17.25 -12.40
C ARG A 346 7.30 18.11 -12.81
#